data_3S35
#
_entry.id   3S35
#
_cell.length_a   78.937
_cell.length_b   112.130
_cell.length_c   156.971
_cell.angle_alpha   90.00
_cell.angle_beta   90.00
_cell.angle_gamma   90.00
#
_symmetry.space_group_name_H-M   'C 2 2 21'
#
loop_
_entity.id
_entity.type
_entity.pdbx_description
1 polymer '6.64 Fab heavy chain'
2 polymer '6.64 Fab light chain'
3 polymer 'Vascular endothelial growth factor receptor 2'
4 branched 2-acetamido-2-deoxy-beta-D-glucopyranose-(1-4)-2-acetamido-2-deoxy-beta-D-glucopyranose
5 non-polymer 'CALCIUM ION'
6 non-polymer 2-acetamido-2-deoxy-beta-D-glucopyranose
7 water water
#
loop_
_entity_poly.entity_id
_entity_poly.type
_entity_poly.pdbx_seq_one_letter_code
_entity_poly.pdbx_strand_id
1 'polypeptide(L)'
;KVQLQQSGTELVKPGASVKVSCKASGYIFTEYIIHWVKQRSGQGLEWIGWLYPESNIIKYNEKFKDKATLTADKSSSTVY
MELSRLTSEDSAVYFCTRHDGTNFDYWGQGTTLTVSSAKTTPPSVYPLAPGSAAQTNSMVTLGCLVKGYFPEPVTVTWNS
GSLSSGVHTFPAVLQSDLYTLSSSVTVPSSTWPSETVTCNVAHPASSTKVDKKIVPR
;
H
2 'polypeptide(L)'
;DIVLTQSPASLAVSLGQRATISCRASESVDSYGNSFMHWYQQKPGQPPKLLIYRASNLESGIPARFSGSGSRTDFTLTIN
PVEADDVATYYCQQSNEDPLTFGAGTKLELKRADAAPTVSIFPPSSEQLTSGGASVVCFLNNFYPKDINVKWKIDGSERQ
NGVLNSWTDQDSKDSTYSMSSTLTLTKDEYERHNSYTCEATHKTSTSPIVKSFNRNE
;
L
3 'polypeptide(L)'
;ADPGYRIYDVVLSPSHGIELSVGEKLVLNCTARTELNVGIDFNWEYPSSKHQHKKLVNRDLKTQSGSEMKKFLSTLTIDG
VTRSDQGLYTCAASSGLMTKKNSTFVRVHEKPFVAFGSGMES
;
X
#
loop_
_chem_comp.id
_chem_comp.type
_chem_comp.name
_chem_comp.formula
CA non-polymer 'CALCIUM ION' 'Ca 2'
NAG D-saccharide, beta linking 2-acetamido-2-deoxy-beta-D-glucopyranose 'C8 H15 N O6'
#
# COMPACT_ATOMS: atom_id res chain seq x y z
N LYS A 1 -22.96 9.51 2.07
CA LYS A 1 -21.52 9.18 2.01
C LYS A 1 -21.19 8.50 0.68
N VAL A 2 -20.07 8.89 0.08
CA VAL A 2 -19.52 8.21 -1.09
C VAL A 2 -18.91 6.88 -0.64
N GLN A 3 -19.25 5.81 -1.35
CA GLN A 3 -18.62 4.51 -1.17
C GLN A 3 -18.36 3.85 -2.51
N LEU A 4 -17.21 3.18 -2.61
CA LEU A 4 -16.96 2.25 -3.70
C LEU A 4 -16.84 0.83 -3.14
N GLN A 5 -17.72 -0.06 -3.62
CA GLN A 5 -17.76 -1.42 -3.12
C GLN A 5 -17.32 -2.40 -4.20
N GLN A 6 -16.23 -3.09 -3.90
CA GLN A 6 -15.63 -4.02 -4.83
C GLN A 6 -16.12 -5.44 -4.60
N SER A 7 -16.13 -6.24 -5.67
CA SER A 7 -16.47 -7.66 -5.57
C SER A 7 -15.45 -8.43 -4.69
N GLY A 8 -15.79 -9.65 -4.30
CA GLY A 8 -15.00 -10.39 -3.34
C GLY A 8 -13.81 -11.10 -3.95
N THR A 9 -13.06 -11.79 -3.09
CA THR A 9 -11.85 -12.52 -3.49
C THR A 9 -12.14 -13.48 -4.60
N GLU A 10 -11.26 -13.51 -5.60
CA GLU A 10 -11.38 -14.44 -6.72
C GLU A 10 -10.19 -15.42 -6.83
N LEU A 11 -10.52 -16.70 -7.01
CA LEU A 11 -9.54 -17.79 -7.16
C LEU A 11 -9.75 -18.37 -8.54
N VAL A 12 -8.80 -18.10 -9.44
CA VAL A 12 -8.99 -18.37 -10.86
C VAL A 12 -7.81 -19.18 -11.38
N LYS A 13 -8.10 -20.11 -12.28
CA LYS A 13 -7.09 -20.94 -12.94
C LYS A 13 -6.26 -20.16 -13.98
N PRO A 14 -4.97 -20.56 -14.15
CA PRO A 14 -4.15 -19.94 -15.21
C PRO A 14 -4.76 -20.17 -16.61
N GLY A 15 -4.71 -19.14 -17.45
CA GLY A 15 -5.30 -19.19 -18.79
C GLY A 15 -6.73 -18.66 -18.89
N ALA A 16 -7.43 -18.61 -17.76
CA ALA A 16 -8.81 -18.12 -17.73
C ALA A 16 -8.87 -16.59 -17.57
N SER A 17 -10.09 -16.07 -17.52
CA SER A 17 -10.31 -14.64 -17.36
C SER A 17 -11.09 -14.38 -16.08
N VAL A 18 -11.04 -13.15 -15.58
CA VAL A 18 -11.83 -12.76 -14.42
C VAL A 18 -12.38 -11.35 -14.64
N LYS A 19 -13.60 -11.10 -14.17
CA LYS A 19 -14.23 -9.78 -14.23
C LYS A 19 -14.60 -9.33 -12.84
N VAL A 20 -13.92 -8.27 -12.43
CA VAL A 20 -13.96 -7.67 -11.12
C VAL A 20 -14.84 -6.39 -11.19
N SER A 21 -15.67 -6.17 -10.17
CA SER A 21 -16.60 -5.03 -10.18
C SER A 21 -16.34 -3.98 -9.09
N CYS A 22 -16.73 -2.75 -9.39
CA CYS A 22 -16.67 -1.63 -8.45
C CYS A 22 -18.01 -0.88 -8.46
N LYS A 23 -18.80 -1.04 -7.39
CA LYS A 23 -20.11 -0.38 -7.29
C LYS A 23 -20.00 0.96 -6.55
N ALA A 24 -20.41 2.02 -7.23
CA ALA A 24 -20.35 3.36 -6.68
C ALA A 24 -21.71 3.76 -6.18
N SER A 25 -21.74 4.51 -5.10
CA SER A 25 -22.98 5.04 -4.52
C SER A 25 -22.70 6.34 -3.77
N GLY A 26 -23.76 7.10 -3.47
CA GLY A 26 -23.63 8.35 -2.74
C GLY A 26 -23.26 9.55 -3.58
N TYR A 27 -23.15 9.39 -4.90
CA TYR A 27 -22.85 10.52 -5.80
C TYR A 27 -23.41 10.34 -7.20
N ILE A 28 -23.39 11.39 -8.03
CA ILE A 28 -23.72 11.25 -9.46
C ILE A 28 -22.61 10.50 -10.23
N PHE A 29 -22.93 9.26 -10.61
CA PHE A 29 -21.97 8.29 -11.14
C PHE A 29 -21.22 8.78 -12.39
N THR A 30 -21.95 9.35 -13.34
CA THR A 30 -21.39 9.73 -14.62
C THR A 30 -20.34 10.84 -14.58
N GLU A 31 -20.27 11.56 -13.47
CA GLU A 31 -19.48 12.77 -13.39
C GLU A 31 -17.99 12.58 -13.07
N TYR A 32 -17.65 11.44 -12.48
CA TYR A 32 -16.32 11.20 -11.95
C TYR A 32 -15.59 10.09 -12.69
N ILE A 33 -14.34 10.33 -13.06
CA ILE A 33 -13.47 9.33 -13.64
C ILE A 33 -13.05 8.28 -12.59
N ILE A 34 -13.15 7.01 -12.96
CA ILE A 34 -12.73 5.89 -12.10
C ILE A 34 -11.45 5.22 -12.63
N HIS A 35 -10.45 5.11 -11.77
CA HIS A 35 -9.16 4.51 -12.09
C HIS A 35 -8.99 3.13 -11.40
N TRP A 36 -8.12 2.31 -11.96
CA TRP A 36 -7.79 1.01 -11.38
C TRP A 36 -6.28 0.92 -11.14
N VAL A 37 -5.93 0.30 -10.02
CA VAL A 37 -4.56 0.29 -9.50
C VAL A 37 -4.26 -1.12 -8.99
N LYS A 38 -3.08 -1.64 -9.35
CA LYS A 38 -2.67 -3.00 -8.99
C LYS A 38 -1.61 -2.95 -7.88
N GLN A 39 -1.76 -3.81 -6.86
CA GLN A 39 -0.76 -3.97 -5.80
C GLN A 39 -0.47 -5.42 -5.43
N ARG A 40 0.75 -5.85 -5.65
CA ARG A 40 1.21 -7.17 -5.27
C ARG A 40 1.78 -7.23 -3.90
N SER A 41 1.24 -8.10 -3.07
CA SER A 41 1.66 -8.38 -1.69
C SER A 41 1.97 -7.19 -0.80
N GLY A 42 1.02 -6.29 -0.66
CA GLY A 42 1.10 -5.08 0.12
C GLY A 42 2.18 -4.04 -0.13
N GLN A 43 2.94 -4.16 -1.20
CA GLN A 43 3.93 -3.14 -1.52
C GLN A 43 4.08 -2.84 -3.03
N GLY A 44 4.06 -1.56 -3.39
CA GLY A 44 4.16 -1.13 -4.77
C GLY A 44 2.80 -0.85 -5.38
N LEU A 45 2.69 0.26 -6.10
CA LEU A 45 1.44 0.59 -6.79
C LEU A 45 1.70 0.80 -8.28
N GLU A 46 0.75 0.33 -9.11
CA GLU A 46 0.84 0.37 -10.56
C GLU A 46 -0.49 0.77 -11.13
N TRP A 47 -0.52 1.87 -11.86
CA TRP A 47 -1.76 2.35 -12.46
C TRP A 47 -2.14 1.53 -13.70
N ILE A 48 -3.42 1.16 -13.83
CA ILE A 48 -3.85 0.29 -14.96
C ILE A 48 -4.56 1.11 -16.04
N GLY A 49 -5.45 1.99 -15.62
CA GLY A 49 -6.21 2.79 -16.57
C GLY A 49 -7.38 3.48 -15.88
N TRP A 50 -8.04 4.37 -16.63
CA TRP A 50 -9.26 5.03 -16.16
C TRP A 50 -10.46 4.91 -17.11
N LEU A 51 -11.66 5.05 -16.57
CA LEU A 51 -12.88 5.08 -17.38
C LEU A 51 -13.75 6.25 -16.93
N TYR A 52 -14.28 6.99 -17.91
CA TYR A 52 -15.18 8.10 -17.68
C TYR A 52 -16.60 7.66 -18.08
N PRO A 53 -17.47 7.40 -17.08
CA PRO A 53 -18.77 6.74 -17.31
C PRO A 53 -19.77 7.52 -18.18
N GLU A 54 -19.66 8.84 -18.23
CA GLU A 54 -20.64 9.65 -18.91
C GLU A 54 -20.71 9.36 -20.42
N SER A 55 -19.54 9.12 -21.02
CA SER A 55 -19.47 8.85 -22.46
C SER A 55 -18.58 7.66 -22.74
N ASN A 56 -18.19 6.98 -21.65
CA ASN A 56 -17.32 5.80 -21.68
C ASN A 56 -16.02 6.02 -22.48
N ILE A 57 -15.34 7.11 -22.18
CA ILE A 57 -13.99 7.30 -22.67
C ILE A 57 -13.08 6.53 -21.71
N ILE A 58 -12.13 5.79 -22.26
CA ILE A 58 -11.23 4.92 -21.51
C ILE A 58 -9.80 5.23 -21.93
N LYS A 59 -8.87 5.24 -20.97
CA LYS A 59 -7.44 5.40 -21.25
C LYS A 59 -6.67 4.30 -20.51
N TYR A 60 -5.75 3.62 -21.21
CA TYR A 60 -4.97 2.53 -20.62
C TYR A 60 -3.50 2.87 -20.44
N ASN A 61 -2.92 2.35 -19.36
CA ASN A 61 -1.49 2.10 -19.34
C ASN A 61 -1.17 1.07 -20.43
N GLU A 62 -0.22 1.41 -21.29
CA GLU A 62 0.25 0.55 -22.38
C GLU A 62 0.67 -0.82 -21.90
N LYS A 63 1.29 -0.87 -20.72
CA LYS A 63 1.64 -2.14 -20.06
C LYS A 63 0.43 -3.06 -19.82
N PHE A 64 -0.78 -2.49 -19.73
CA PHE A 64 -2.00 -3.29 -19.47
C PHE A 64 -3.00 -3.36 -20.63
N LYS A 65 -2.64 -2.78 -21.77
CA LYS A 65 -3.53 -2.67 -22.94
C LYS A 65 -4.09 -4.03 -23.41
N ASP A 66 -3.26 -5.07 -23.32
CA ASP A 66 -3.59 -6.43 -23.76
C ASP A 66 -4.15 -7.30 -22.65
N LYS A 67 -4.06 -6.81 -21.42
CA LYS A 67 -4.36 -7.58 -20.23
C LYS A 67 -5.70 -7.18 -19.63
N ALA A 68 -5.96 -5.87 -19.56
CA ALA A 68 -7.18 -5.33 -18.93
C ALA A 68 -8.17 -4.74 -19.94
N THR A 69 -9.46 -4.92 -19.64
CA THR A 69 -10.54 -4.27 -20.39
C THR A 69 -11.48 -3.62 -19.39
N LEU A 70 -11.70 -2.31 -19.56
CA LEU A 70 -12.57 -1.58 -18.66
C LEU A 70 -13.92 -1.32 -19.33
N THR A 71 -14.99 -1.58 -18.56
CA THR A 71 -16.37 -1.30 -19.02
C THR A 71 -17.16 -0.72 -17.86
N ALA A 72 -18.32 -0.14 -18.16
CA ALA A 72 -19.18 0.44 -17.12
C ALA A 72 -20.64 0.14 -17.42
N ASP A 73 -21.44 0.04 -16.36
CA ASP A 73 -22.91 -0.06 -16.49
C ASP A 73 -23.53 1.10 -15.73
N LYS A 74 -23.96 2.12 -16.46
CA LYS A 74 -24.56 3.32 -15.86
C LYS A 74 -25.80 3.00 -15.05
N SER A 75 -26.64 2.11 -15.56
CA SER A 75 -27.88 1.79 -14.87
C SER A 75 -27.64 1.22 -13.46
N SER A 76 -26.51 0.58 -13.23
CA SER A 76 -26.23 -0.02 -11.93
C SER A 76 -25.07 0.65 -11.20
N SER A 77 -24.62 1.80 -11.72
CA SER A 77 -23.47 2.55 -11.19
C SER A 77 -22.21 1.69 -10.90
N THR A 78 -21.92 0.78 -11.82
CA THR A 78 -20.81 -0.15 -11.68
C THR A 78 -19.77 0.01 -12.79
N VAL A 79 -18.49 0.06 -12.39
CA VAL A 79 -17.37 -0.06 -13.32
C VAL A 79 -16.79 -1.49 -13.19
N TYR A 80 -16.50 -2.10 -14.32
CA TYR A 80 -15.90 -3.44 -14.35
C TYR A 80 -14.45 -3.41 -14.86
N MET A 81 -13.59 -4.25 -14.29
CA MET A 81 -12.31 -4.57 -14.92
C MET A 81 -12.20 -6.07 -15.27
N GLU A 82 -12.02 -6.36 -16.56
CA GLU A 82 -11.72 -7.72 -16.99
C GLU A 82 -10.21 -7.93 -17.22
N LEU A 83 -9.70 -9.06 -16.71
CA LEU A 83 -8.30 -9.44 -16.82
C LEU A 83 -8.30 -10.78 -17.51
N SER A 84 -7.53 -10.90 -18.61
CA SER A 84 -7.55 -12.11 -19.45
C SER A 84 -6.22 -12.84 -19.46
N ARG A 85 -6.25 -14.07 -19.97
CA ARG A 85 -5.07 -14.93 -20.12
C ARG A 85 -4.19 -14.97 -18.86
N LEU A 86 -4.83 -15.27 -17.74
CA LEU A 86 -4.23 -15.08 -16.42
C LEU A 86 -3.02 -15.96 -16.10
N THR A 87 -2.04 -15.37 -15.41
CA THR A 87 -0.93 -16.13 -14.82
C THR A 87 -0.69 -15.66 -13.38
N SER A 88 0.19 -16.36 -12.65
CA SER A 88 0.50 -15.97 -11.26
C SER A 88 1.03 -14.54 -11.11
N GLU A 89 1.63 -13.99 -12.17
CA GLU A 89 2.07 -12.59 -12.22
C GLU A 89 0.94 -11.55 -12.07
N ASP A 90 -0.28 -12.00 -12.37
CA ASP A 90 -1.51 -11.24 -12.14
C ASP A 90 -2.10 -11.34 -10.72
N SER A 91 -1.60 -12.27 -9.92
CA SER A 91 -2.06 -12.35 -8.54
C SER A 91 -1.64 -11.05 -7.82
N ALA A 92 -2.62 -10.38 -7.20
CA ALA A 92 -2.49 -9.02 -6.65
C ALA A 92 -3.79 -8.56 -5.97
N VAL A 93 -3.70 -7.45 -5.24
CA VAL A 93 -4.88 -6.67 -4.88
C VAL A 93 -5.08 -5.60 -5.97
N TYR A 94 -6.32 -5.51 -6.47
CA TYR A 94 -6.76 -4.54 -7.45
C TYR A 94 -7.69 -3.57 -6.74
N PHE A 95 -7.32 -2.29 -6.72
CA PHE A 95 -8.18 -1.21 -6.18
C PHE A 95 -8.89 -0.43 -7.26
N CYS A 96 -10.15 -0.07 -7.04
CA CYS A 96 -10.74 1.03 -7.81
C CYS A 96 -10.72 2.29 -6.94
N THR A 97 -10.65 3.46 -7.57
CA THR A 97 -10.59 4.72 -6.83
C THR A 97 -11.21 5.83 -7.66
N ARG A 98 -11.87 6.77 -6.97
CA ARG A 98 -12.51 7.90 -7.62
C ARG A 98 -11.55 9.08 -7.66
N HIS A 99 -11.43 9.72 -8.82
CA HIS A 99 -10.68 10.95 -8.94
C HIS A 99 -11.66 12.14 -9.02
N ASP A 100 -11.31 13.23 -8.36
CA ASP A 100 -12.27 14.32 -8.26
C ASP A 100 -11.89 15.57 -9.02
N GLY A 101 -10.84 15.47 -9.83
CA GLY A 101 -10.28 16.64 -10.50
C GLY A 101 -9.09 17.24 -9.76
N THR A 102 -8.87 16.81 -8.52
CA THR A 102 -7.67 17.19 -7.76
C THR A 102 -6.84 15.95 -7.44
N ASN A 103 -7.47 14.93 -6.85
CA ASN A 103 -6.82 13.68 -6.46
C ASN A 103 -7.82 12.52 -6.34
N PHE A 104 -7.26 11.32 -6.19
CA PHE A 104 -8.01 10.14 -5.75
C PHE A 104 -8.54 10.45 -4.36
N ASP A 105 -9.87 10.50 -4.22
CA ASP A 105 -10.49 10.91 -2.97
C ASP A 105 -11.26 9.81 -2.23
N TYR A 106 -11.75 8.81 -2.95
CA TYR A 106 -12.37 7.63 -2.36
C TYR A 106 -11.79 6.39 -3.05
N TRP A 107 -11.59 5.33 -2.28
CA TRP A 107 -11.05 4.05 -2.78
C TRP A 107 -11.98 2.91 -2.41
N GLY A 108 -12.11 1.93 -3.30
CA GLY A 108 -12.65 0.64 -2.94
C GLY A 108 -11.79 -0.07 -1.89
N GLN A 109 -12.31 -1.17 -1.35
CA GLN A 109 -11.57 -1.90 -0.30
C GLN A 109 -10.47 -2.85 -0.84
N GLY A 110 -10.36 -2.94 -2.17
CA GLY A 110 -9.49 -3.91 -2.85
C GLY A 110 -10.14 -5.26 -3.11
N THR A 111 -9.76 -5.91 -4.21
CA THR A 111 -10.20 -7.26 -4.57
C THR A 111 -8.95 -8.11 -4.74
N THR A 112 -8.84 -9.17 -3.95
CA THR A 112 -7.72 -10.10 -4.08
C THR A 112 -7.98 -11.09 -5.20
N LEU A 113 -7.01 -11.19 -6.12
CA LEU A 113 -7.02 -12.18 -7.18
C LEU A 113 -5.87 -13.13 -6.91
N THR A 114 -6.17 -14.42 -6.87
CA THR A 114 -5.20 -15.48 -6.72
C THR A 114 -5.34 -16.42 -7.92
N VAL A 115 -4.30 -16.45 -8.75
CA VAL A 115 -4.26 -17.31 -9.91
C VAL A 115 -3.51 -18.58 -9.52
N SER A 116 -4.22 -19.71 -9.60
CA SER A 116 -3.74 -20.97 -9.07
C SER A 116 -4.47 -22.12 -9.72
N SER A 117 -3.74 -23.23 -9.91
CA SER A 117 -4.30 -24.51 -10.38
C SER A 117 -4.92 -25.38 -9.24
N ALA A 118 -4.63 -25.04 -7.98
CA ALA A 118 -5.02 -25.88 -6.85
C ALA A 118 -6.54 -25.95 -6.54
N LYS A 119 -6.95 -27.08 -6.00
CA LYS A 119 -8.31 -27.27 -5.48
C LYS A 119 -8.31 -27.09 -3.96
N THR A 120 -9.49 -26.82 -3.39
CA THR A 120 -9.67 -26.75 -1.94
C THR A 120 -9.05 -27.97 -1.26
N THR A 121 -8.13 -27.70 -0.32
CA THR A 121 -7.38 -28.73 0.38
C THR A 121 -7.21 -28.31 1.84
N PRO A 122 -7.72 -29.14 2.79
CA PRO A 122 -7.55 -28.84 4.19
C PRO A 122 -6.08 -29.02 4.60
N PRO A 123 -5.63 -28.27 5.62
CA PRO A 123 -4.24 -28.44 6.05
C PRO A 123 -4.00 -29.71 6.81
N SER A 124 -2.76 -30.20 6.73
CA SER A 124 -2.26 -31.20 7.64
C SER A 124 -1.65 -30.43 8.79
N VAL A 125 -1.94 -30.85 10.01
CA VAL A 125 -1.51 -30.11 11.20
C VAL A 125 -0.64 -31.01 12.08
N TYR A 126 0.58 -30.55 12.34
CA TYR A 126 1.59 -31.32 13.08
C TYR A 126 2.04 -30.61 14.33
N PRO A 127 2.08 -31.35 15.46
CA PRO A 127 2.54 -30.79 16.73
C PRO A 127 4.06 -30.65 16.69
N LEU A 128 4.57 -29.57 17.25
CA LEU A 128 6.01 -29.33 17.33
C LEU A 128 6.48 -29.31 18.79
N ALA A 129 7.02 -30.45 19.22
CA ALA A 129 7.63 -30.60 20.54
C ALA A 129 9.16 -30.60 20.47
N PRO A 130 9.83 -30.05 21.52
CA PRO A 130 11.31 -29.95 21.64
C PRO A 130 12.09 -31.22 21.33
N ASN A 137 15.80 -23.75 30.77
CA ASN A 137 15.19 -22.42 30.87
C ASN A 137 13.85 -22.41 31.62
N SER A 138 13.46 -21.23 32.10
CA SER A 138 12.15 -21.05 32.73
C SER A 138 11.01 -21.00 31.70
N MET A 139 11.36 -20.84 30.44
CA MET A 139 10.35 -20.80 29.37
C MET A 139 10.64 -21.79 28.26
N VAL A 140 9.58 -22.38 27.73
CA VAL A 140 9.66 -23.36 26.65
C VAL A 140 8.79 -22.92 25.47
N THR A 141 9.39 -22.94 24.28
CA THR A 141 8.65 -22.70 23.05
C THR A 141 8.16 -24.02 22.47
N LEU A 142 6.90 -24.02 22.07
CA LEU A 142 6.26 -25.14 21.40
C LEU A 142 5.77 -24.63 20.05
N GLY A 143 5.32 -25.54 19.19
CA GLY A 143 4.85 -25.13 17.88
C GLY A 143 3.77 -25.99 17.27
N CYS A 144 3.30 -25.53 16.12
CA CYS A 144 2.25 -26.15 15.35
C CYS A 144 2.60 -25.89 13.87
N LEU A 145 2.78 -26.95 13.09
CA LEU A 145 3.03 -26.84 11.66
C LEU A 145 1.75 -27.09 10.87
N VAL A 146 1.39 -26.12 10.03
CA VAL A 146 0.14 -26.18 9.25
C VAL A 146 0.51 -26.22 7.76
N LYS A 147 0.34 -27.39 7.17
CA LYS A 147 1.01 -27.71 5.94
C LYS A 147 0.06 -28.18 4.83
N GLY A 148 0.31 -27.70 3.61
CA GLY A 148 -0.36 -28.21 2.42
C GLY A 148 -1.83 -27.86 2.22
N TYR A 149 -2.22 -26.64 2.56
CA TYR A 149 -3.62 -26.20 2.38
C TYR A 149 -3.85 -25.23 1.20
N PHE A 150 -5.10 -25.17 0.74
CA PHE A 150 -5.54 -24.19 -0.25
C PHE A 150 -7.07 -24.00 -0.14
N PRO A 151 -7.55 -22.75 -0.19
CA PRO A 151 -6.81 -21.49 -0.25
C PRO A 151 -6.51 -20.92 1.14
N GLU A 152 -5.90 -19.74 1.18
CA GLU A 152 -5.88 -18.93 2.39
C GLU A 152 -7.29 -18.43 2.69
N PRO A 153 -7.61 -18.12 3.96
CA PRO A 153 -6.77 -18.24 5.13
C PRO A 153 -7.04 -19.47 6.03
N VAL A 154 -6.16 -19.65 7.02
CA VAL A 154 -6.42 -20.49 8.19
C VAL A 154 -6.40 -19.59 9.43
N THR A 155 -7.12 -20.02 10.47
CA THR A 155 -7.00 -19.37 11.78
C THR A 155 -6.33 -20.33 12.77
N VAL A 156 -5.30 -19.85 13.46
CA VAL A 156 -4.59 -20.64 14.48
C VAL A 156 -4.76 -19.99 15.84
N THR A 157 -5.34 -20.76 16.78
CA THR A 157 -5.39 -20.40 18.19
C THR A 157 -4.72 -21.45 19.07
N TRP A 158 -4.43 -21.05 20.31
CA TRP A 158 -3.84 -21.93 21.30
C TRP A 158 -4.77 -22.09 22.48
N ASN A 159 -5.10 -23.35 22.80
CA ASN A 159 -6.02 -23.69 23.91
C ASN A 159 -7.37 -23.01 23.78
N SER A 160 -7.97 -23.16 22.59
CA SER A 160 -9.23 -22.52 22.20
C SER A 160 -9.25 -20.99 22.37
N GLY A 161 -8.08 -20.37 22.18
CA GLY A 161 -7.95 -18.92 22.34
C GLY A 161 -7.65 -18.43 23.75
N SER A 162 -7.62 -19.35 24.71
CA SER A 162 -7.29 -19.03 26.10
C SER A 162 -5.81 -18.67 26.28
N LEU A 163 -4.99 -19.13 25.36
CA LEU A 163 -3.56 -18.85 25.37
C LEU A 163 -3.26 -17.86 24.23
N SER A 164 -3.03 -16.60 24.59
CA SER A 164 -2.88 -15.52 23.62
C SER A 164 -1.52 -14.84 23.60
N SER A 165 -0.94 -14.61 24.78
CA SER A 165 0.39 -13.98 24.87
C SER A 165 1.54 -14.94 24.53
N GLY A 166 2.63 -14.37 24.01
CA GLY A 166 3.80 -15.15 23.59
C GLY A 166 3.59 -15.99 22.34
N VAL A 167 2.61 -15.62 21.52
CA VAL A 167 2.28 -16.34 20.30
C VAL A 167 2.81 -15.57 19.09
N HIS A 168 3.44 -16.30 18.17
CA HIS A 168 3.83 -15.77 16.88
C HIS A 168 3.29 -16.71 15.79
N THR A 169 2.32 -16.25 15.03
CA THR A 169 1.78 -17.01 13.89
C THR A 169 2.33 -16.35 12.63
N PHE A 170 3.07 -17.11 11.85
CA PHE A 170 3.82 -16.57 10.73
C PHE A 170 3.01 -16.51 9.45
N PRO A 171 3.34 -15.57 8.53
CA PRO A 171 2.67 -15.57 7.23
C PRO A 171 2.91 -16.84 6.42
N ALA A 172 1.89 -17.28 5.70
CA ALA A 172 1.99 -18.45 4.84
C ALA A 172 2.95 -18.20 3.70
N VAL A 173 3.61 -19.28 3.29
CA VAL A 173 4.44 -19.30 2.10
C VAL A 173 3.79 -20.30 1.14
N LEU A 174 3.74 -19.93 -0.12
CA LEU A 174 3.21 -20.80 -1.16
C LEU A 174 4.34 -21.66 -1.68
N GLN A 175 4.19 -22.98 -1.57
CA GLN A 175 5.18 -23.90 -2.11
C GLN A 175 4.48 -25.04 -2.89
N SER A 176 4.70 -25.06 -4.20
CA SER A 176 4.16 -26.11 -5.07
C SER A 176 2.64 -26.12 -5.01
N ASP A 177 2.07 -24.92 -5.17
CA ASP A 177 0.62 -24.66 -5.25
C ASP A 177 -0.11 -24.61 -3.91
N LEU A 178 0.53 -25.10 -2.84
CA LEU A 178 -0.11 -25.20 -1.52
C LEU A 178 0.58 -24.31 -0.49
N TYR A 179 -0.17 -23.89 0.54
CA TYR A 179 0.35 -23.00 1.60
C TYR A 179 0.83 -23.78 2.83
N THR A 180 1.82 -23.23 3.51
CA THR A 180 2.35 -23.79 4.76
C THR A 180 2.68 -22.62 5.69
N LEU A 181 2.27 -22.74 6.96
CA LEU A 181 2.70 -21.84 8.04
C LEU A 181 2.97 -22.60 9.35
N SER A 182 3.71 -21.95 10.25
CA SER A 182 3.89 -22.43 11.62
C SER A 182 3.44 -21.36 12.63
N SER A 183 3.15 -21.77 13.84
CA SER A 183 2.80 -20.88 14.93
C SER A 183 3.58 -21.36 16.14
N SER A 184 4.30 -20.45 16.80
CA SER A 184 4.98 -20.77 18.07
C SER A 184 4.24 -20.17 19.26
N VAL A 185 4.21 -20.90 20.38
CA VAL A 185 3.86 -20.37 21.71
C VAL A 185 5.01 -20.56 22.68
N THR A 186 5.31 -19.51 23.43
CA THR A 186 6.27 -19.57 24.52
C THR A 186 5.51 -19.46 25.85
N VAL A 187 5.72 -20.46 26.69
CA VAL A 187 5.01 -20.60 27.97
C VAL A 187 6.01 -20.87 29.10
N PRO A 188 5.60 -20.68 30.37
CA PRO A 188 6.46 -21.14 31.47
C PRO A 188 6.68 -22.65 31.42
N SER A 189 7.93 -23.05 31.59
CA SER A 189 8.33 -24.46 31.56
C SER A 189 7.68 -25.29 32.67
N SER A 190 7.25 -24.62 33.75
CA SER A 190 6.54 -25.27 34.85
C SER A 190 5.13 -25.71 34.45
N THR A 191 4.63 -25.20 33.33
CA THR A 191 3.25 -25.44 32.92
C THR A 191 3.10 -26.51 31.84
N TRP A 192 4.18 -26.75 31.08
CA TRP A 192 4.21 -27.82 30.09
C TRP A 192 5.42 -28.72 30.38
N PRO A 193 5.27 -30.06 30.28
CA PRO A 193 4.13 -30.85 29.82
C PRO A 193 3.09 -31.25 30.88
N SER A 194 3.21 -30.70 32.09
CA SER A 194 2.29 -31.07 33.17
C SER A 194 0.87 -30.50 32.98
N GLU A 195 0.74 -29.45 32.19
CA GLU A 195 -0.57 -28.98 31.71
C GLU A 195 -0.64 -29.05 30.18
N THR A 196 -1.84 -29.29 29.67
CA THR A 196 -2.07 -29.52 28.24
C THR A 196 -1.97 -28.24 27.41
N VAL A 197 -1.22 -28.31 26.32
CA VAL A 197 -1.13 -27.24 25.32
C VAL A 197 -1.55 -27.81 23.96
N THR A 198 -2.56 -27.19 23.36
CA THR A 198 -3.18 -27.65 22.12
C THR A 198 -3.24 -26.50 21.10
N CYS A 199 -2.86 -26.75 19.85
CA CYS A 199 -3.18 -25.78 18.78
C CYS A 199 -4.49 -26.13 18.06
N ASN A 200 -5.32 -25.12 17.83
CA ASN A 200 -6.57 -25.29 17.09
C ASN A 200 -6.46 -24.56 15.76
N VAL A 201 -6.72 -25.29 14.67
CA VAL A 201 -6.54 -24.77 13.32
C VAL A 201 -7.85 -24.86 12.54
N ALA A 202 -8.39 -23.70 12.15
CA ALA A 202 -9.60 -23.64 11.33
C ALA A 202 -9.28 -23.29 9.88
N HIS A 203 -9.92 -24.00 8.95
CA HIS A 203 -9.81 -23.72 7.53
C HIS A 203 -11.20 -23.59 6.89
N PRO A 204 -11.77 -22.37 6.91
CA PRO A 204 -13.13 -22.10 6.44
C PRO A 204 -13.49 -22.66 5.05
N ALA A 205 -12.57 -22.60 4.09
CA ALA A 205 -12.90 -23.04 2.72
C ALA A 205 -13.26 -24.52 2.65
N SER A 206 -12.58 -25.33 3.47
CA SER A 206 -12.84 -26.78 3.53
C SER A 206 -13.79 -27.16 4.67
N SER A 207 -14.22 -26.15 5.45
CA SER A 207 -15.13 -26.33 6.58
C SER A 207 -14.57 -27.28 7.65
N THR A 208 -13.25 -27.27 7.82
CA THR A 208 -12.58 -28.13 8.77
C THR A 208 -12.03 -27.35 9.96
N LYS A 209 -11.96 -28.01 11.12
CA LYS A 209 -11.26 -27.50 12.28
C LYS A 209 -10.68 -28.66 13.06
N VAL A 210 -9.36 -28.65 13.23
CA VAL A 210 -8.68 -29.73 13.95
C VAL A 210 -7.96 -29.25 15.21
N ASP A 211 -7.84 -30.15 16.17
CA ASP A 211 -7.12 -29.90 17.41
C ASP A 211 -5.88 -30.78 17.46
N LYS A 212 -4.75 -30.19 17.83
CA LYS A 212 -3.52 -30.96 17.94
C LYS A 212 -2.85 -30.69 19.28
N LYS A 213 -2.78 -31.72 20.10
CA LYS A 213 -2.15 -31.68 21.42
C LYS A 213 -0.64 -31.88 21.32
N ILE A 214 0.11 -30.99 21.96
CA ILE A 214 1.57 -31.05 21.98
C ILE A 214 2.04 -32.00 23.07
N VAL A 215 2.54 -33.16 22.63
CA VAL A 215 2.93 -34.25 23.51
C VAL A 215 4.46 -34.37 23.51
N PRO A 216 5.05 -34.63 24.69
CA PRO A 216 6.50 -34.86 24.79
C PRO A 216 6.94 -36.09 24.00
N ARG A 217 8.04 -35.96 23.24
CA ARG A 217 8.63 -37.08 22.51
C ARG A 217 8.96 -38.24 23.45
N ASP B 1 7.64 8.93 -20.28
CA ASP B 1 7.20 7.84 -19.34
C ASP B 1 7.98 7.93 -18.02
N ILE B 2 7.35 8.52 -17.01
CA ILE B 2 8.10 9.05 -15.86
C ILE B 2 8.36 8.05 -14.74
N VAL B 3 9.65 7.80 -14.47
CA VAL B 3 10.09 6.89 -13.44
C VAL B 3 10.40 7.70 -12.17
N LEU B 4 9.79 7.29 -11.07
CA LEU B 4 9.99 7.88 -9.77
C LEU B 4 10.93 7.02 -8.94
N THR B 5 12.08 7.59 -8.57
CA THR B 5 13.01 6.92 -7.66
C THR B 5 12.89 7.44 -6.22
N GLN B 6 12.29 6.61 -5.37
CA GLN B 6 12.02 6.96 -4.00
C GLN B 6 13.09 6.33 -3.07
N SER B 7 13.65 7.12 -2.16
CA SER B 7 14.59 6.60 -1.16
C SER B 7 14.42 7.23 0.25
N PRO B 8 14.81 6.48 1.32
CA PRO B 8 15.32 5.09 1.25
C PRO B 8 14.15 4.14 1.13
N ALA B 9 14.39 2.88 0.77
CA ALA B 9 13.32 1.89 0.67
C ALA B 9 12.71 1.59 2.06
N SER B 10 13.55 1.73 3.08
CA SER B 10 13.17 1.46 4.44
C SER B 10 13.87 2.47 5.35
N LEU B 11 13.17 2.89 6.41
CA LEU B 11 13.68 3.87 7.33
C LEU B 11 13.29 3.50 8.77
N ALA B 12 14.28 3.40 9.64
CA ALA B 12 14.03 3.19 11.06
C ALA B 12 14.29 4.48 11.84
N VAL B 13 13.20 5.06 12.35
CA VAL B 13 13.22 6.34 13.06
C VAL B 13 12.81 6.18 14.52
N SER B 14 13.42 6.98 15.39
CA SER B 14 13.07 6.99 16.80
C SER B 14 11.87 7.92 17.03
N LEU B 15 10.98 7.56 17.97
CA LEU B 15 9.86 8.42 18.33
C LEU B 15 10.34 9.82 18.70
N GLY B 16 9.79 10.84 18.03
CA GLY B 16 10.12 12.24 18.33
C GLY B 16 11.15 12.86 17.39
N GLN B 17 11.82 12.01 16.60
CA GLN B 17 12.81 12.49 15.63
C GLN B 17 12.18 12.77 14.26
N ARG B 18 12.99 13.29 13.35
CA ARG B 18 12.54 13.64 12.02
C ARG B 18 12.80 12.53 11.00
N ALA B 19 11.86 12.34 10.08
CA ALA B 19 12.03 11.45 8.94
C ALA B 19 11.94 12.28 7.67
N THR B 20 12.86 12.02 6.75
CA THR B 20 12.85 12.65 5.44
C THR B 20 12.83 11.57 4.35
N ILE B 21 11.83 11.64 3.48
CA ILE B 21 11.71 10.72 2.35
C ILE B 21 11.90 11.49 1.02
N SER B 22 12.75 10.98 0.15
CA SER B 22 13.02 11.62 -1.15
C SER B 22 12.43 10.89 -2.36
N CYS B 23 12.01 11.69 -3.34
CA CYS B 23 11.54 11.21 -4.64
C CYS B 23 12.25 11.98 -5.76
N ARG B 24 12.95 11.25 -6.63
CA ARG B 24 13.55 11.84 -7.83
C ARG B 24 12.81 11.36 -9.07
N ALA B 25 12.41 12.29 -9.92
CA ALA B 25 11.76 11.97 -11.19
C ALA B 25 12.72 12.02 -12.39
N SER B 26 12.51 11.12 -13.34
CA SER B 26 13.40 11.01 -14.52
C SER B 26 13.27 12.22 -15.44
N GLU B 27 12.17 12.95 -15.29
CA GLU B 27 11.96 14.22 -15.98
C GLU B 27 10.96 15.06 -15.20
N SER B 28 10.90 16.35 -15.53
CA SER B 28 10.07 17.31 -14.80
C SER B 28 8.62 16.87 -14.64
N VAL B 29 8.10 17.02 -13.44
CA VAL B 29 6.69 16.78 -13.19
C VAL B 29 5.94 18.11 -12.99
N ASP B 30 6.58 19.20 -13.46
CA ASP B 30 6.00 20.54 -13.40
C ASP B 30 5.39 20.90 -14.74
N SER B 31 4.22 21.53 -14.73
CA SER B 31 3.71 22.28 -15.89
C SER B 31 2.74 23.37 -15.45
N TYR B 32 2.62 24.42 -16.25
CA TYR B 32 1.68 25.53 -16.01
C TYR B 32 1.90 26.30 -14.69
N GLY B 33 3.08 26.15 -14.09
CA GLY B 33 3.39 26.77 -12.80
C GLY B 33 3.05 25.97 -11.55
N ASN B 34 2.73 24.68 -11.72
CA ASN B 34 2.42 23.74 -10.65
C ASN B 34 3.38 22.54 -10.69
N SER B 35 3.51 21.82 -9.57
CA SER B 35 4.23 20.53 -9.55
C SER B 35 3.21 19.44 -9.31
N PHE B 36 3.08 18.49 -10.24
CA PHE B 36 2.04 17.48 -10.14
C PHE B 36 2.59 16.22 -9.51
N MET B 37 2.99 16.40 -8.26
CA MET B 37 3.58 15.37 -7.40
C MET B 37 2.71 15.26 -6.16
N HIS B 38 2.42 14.03 -5.72
CA HIS B 38 1.51 13.79 -4.57
C HIS B 38 2.13 12.77 -3.65
N TRP B 39 1.76 12.82 -2.36
CA TRP B 39 2.28 11.88 -1.35
C TRP B 39 1.13 11.13 -0.69
N TYR B 40 1.28 9.80 -0.60
CA TYR B 40 0.29 8.92 0.06
C TYR B 40 0.87 8.14 1.23
N GLN B 41 -0.01 7.78 2.16
CA GLN B 41 0.31 6.87 3.24
C GLN B 41 -0.56 5.61 3.08
N GLN B 42 0.04 4.43 3.32
CA GLN B 42 -0.73 3.18 3.32
C GLN B 42 -0.35 2.24 4.49
N LYS B 43 -1.34 1.86 5.28
CA LYS B 43 -1.20 0.78 6.27
C LYS B 43 -1.75 -0.57 5.73
N PRO B 44 -1.28 -1.72 6.29
CA PRO B 44 -1.69 -3.07 5.86
C PRO B 44 -3.21 -3.29 5.87
N GLY B 45 -3.72 -3.97 4.84
CA GLY B 45 -5.16 -4.18 4.67
C GLY B 45 -5.98 -2.97 4.21
N GLN B 46 -5.38 -1.79 4.14
CA GLN B 46 -6.11 -0.56 3.81
C GLN B 46 -5.71 0.02 2.44
N PRO B 47 -6.59 0.85 1.81
CA PRO B 47 -6.15 1.60 0.62
C PRO B 47 -5.19 2.72 1.01
N PRO B 48 -4.45 3.27 0.01
CA PRO B 48 -3.59 4.41 0.29
C PRO B 48 -4.42 5.62 0.72
N LYS B 49 -3.80 6.56 1.43
CA LYS B 49 -4.47 7.74 1.93
C LYS B 49 -3.65 8.97 1.56
N LEU B 50 -4.27 9.95 0.92
CA LEU B 50 -3.58 11.17 0.51
C LEU B 50 -3.13 12.03 1.71
N LEU B 51 -1.86 12.42 1.69
CA LEU B 51 -1.29 13.37 2.67
C LEU B 51 -1.13 14.76 2.07
N ILE B 52 -0.56 14.82 0.88
CA ILE B 52 -0.10 16.07 0.28
C ILE B 52 -0.39 16.05 -1.22
N TYR B 53 -1.09 17.06 -1.72
CA TYR B 53 -1.28 17.19 -3.16
C TYR B 53 -0.46 18.35 -3.73
N ARG B 54 -0.05 18.18 -4.99
CA ARG B 54 0.79 19.14 -5.73
C ARG B 54 1.97 19.64 -4.92
N ALA B 55 2.75 18.67 -4.42
CA ALA B 55 4.06 18.90 -3.80
C ALA B 55 3.99 19.44 -2.39
N SER B 56 3.12 20.43 -2.15
CA SER B 56 3.16 21.17 -0.89
C SER B 56 1.83 21.48 -0.21
N ASN B 57 0.71 21.05 -0.80
CA ASN B 57 -0.60 21.31 -0.19
C ASN B 57 -1.06 20.20 0.75
N LEU B 58 -1.23 20.55 2.01
CA LEU B 58 -1.62 19.61 3.05
C LEU B 58 -3.10 19.29 2.91
N GLU B 59 -3.42 18.00 2.79
CA GLU B 59 -4.82 17.55 2.74
C GLU B 59 -5.49 17.85 4.07
N SER B 60 -6.76 18.25 4.04
CA SER B 60 -7.55 18.41 5.27
C SER B 60 -7.52 17.15 6.15
N GLY B 61 -7.34 17.34 7.46
CA GLY B 61 -7.28 16.24 8.43
C GLY B 61 -5.89 15.68 8.68
N ILE B 62 -4.94 16.06 7.84
CA ILE B 62 -3.55 15.62 7.99
C ILE B 62 -2.80 16.63 8.89
N PRO B 63 -2.12 16.15 9.95
CA PRO B 63 -1.41 17.12 10.79
C PRO B 63 -0.22 17.80 10.10
N ALA B 64 0.07 19.04 10.50
CA ALA B 64 1.14 19.84 9.93
C ALA B 64 2.57 19.33 10.26
N ARG B 65 2.62 18.22 11.01
CA ARG B 65 3.83 17.42 11.17
C ARG B 65 4.35 16.94 9.82
N PHE B 66 3.41 16.77 8.88
CA PHE B 66 3.67 16.32 7.54
C PHE B 66 3.86 17.53 6.64
N SER B 67 4.96 17.53 5.89
CA SER B 67 5.36 18.69 5.12
C SER B 67 6.04 18.23 3.83
N GLY B 68 5.61 18.80 2.71
CA GLY B 68 6.17 18.47 1.41
C GLY B 68 6.80 19.67 0.75
N SER B 69 7.86 19.42 -0.02
CA SER B 69 8.50 20.46 -0.81
C SER B 69 9.26 19.89 -2.00
N GLY B 70 9.79 20.82 -2.81
CA GLY B 70 10.57 20.52 -3.99
C GLY B 70 9.90 21.07 -5.23
N SER B 71 10.53 20.83 -6.34
CA SER B 71 10.02 21.20 -7.62
C SER B 71 10.79 20.46 -8.69
N ARG B 72 10.26 20.50 -9.87
CA ARG B 72 10.82 19.91 -11.04
C ARG B 72 11.02 18.39 -11.01
N THR B 73 12.16 17.93 -10.54
CA THR B 73 12.48 16.54 -10.46
C THR B 73 12.83 16.04 -9.06
N ASP B 74 12.96 16.92 -8.09
CA ASP B 74 13.39 16.50 -6.74
C ASP B 74 12.40 16.94 -5.64
N PHE B 75 11.87 15.95 -4.92
CA PHE B 75 10.83 16.18 -3.92
C PHE B 75 11.10 15.48 -2.60
N THR B 76 10.61 16.09 -1.53
CA THR B 76 10.84 15.58 -0.19
C THR B 76 9.54 15.62 0.63
N LEU B 77 9.26 14.52 1.32
CA LEU B 77 8.25 14.49 2.37
C LEU B 77 8.98 14.48 3.70
N THR B 78 8.71 15.48 4.55
CA THR B 78 9.24 15.50 5.89
C THR B 78 8.12 15.13 6.87
N ILE B 79 8.47 14.34 7.88
CA ILE B 79 7.60 14.01 9.00
C ILE B 79 8.35 14.37 10.28
N ASN B 80 7.81 15.36 11.01
CA ASN B 80 8.52 15.91 12.14
C ASN B 80 7.63 16.58 13.23
N PRO B 81 7.53 15.97 14.44
CA PRO B 81 8.09 14.67 14.87
C PRO B 81 7.27 13.45 14.46
N VAL B 82 7.94 12.30 14.35
CA VAL B 82 7.32 10.99 14.10
C VAL B 82 6.50 10.51 15.34
N GLU B 83 5.17 10.31 15.19
CA GLU B 83 4.17 9.84 16.26
C GLU B 83 4.26 8.26 15.94
N ALA B 84 3.80 7.36 16.82
CA ALA B 84 3.74 5.92 16.46
C ALA B 84 2.72 5.56 15.36
N ASP B 85 1.77 6.45 15.14
CA ASP B 85 0.75 6.25 14.10
C ASP B 85 1.30 6.46 12.71
N ASP B 86 2.54 6.93 12.62
CA ASP B 86 3.19 7.15 11.32
C ASP B 86 3.78 5.86 10.72
N VAL B 87 3.83 4.78 11.51
CA VAL B 87 4.33 3.49 11.02
C VAL B 87 3.45 3.02 9.85
N ALA B 88 4.04 3.02 8.66
CA ALA B 88 3.31 2.79 7.41
C ALA B 88 4.28 2.74 6.23
N THR B 89 3.74 2.55 5.04
CA THR B 89 4.50 2.73 3.81
C THR B 89 4.07 4.03 3.10
N TYR B 90 5.06 4.75 2.56
CA TYR B 90 4.82 6.06 1.96
C TYR B 90 5.14 6.00 0.49
N TYR B 91 4.28 6.61 -0.33
CA TYR B 91 4.42 6.62 -1.77
C TYR B 91 4.42 8.03 -2.34
N CYS B 92 5.34 8.32 -3.27
CA CYS B 92 5.19 9.46 -4.19
C CYS B 92 4.44 9.02 -5.46
N GLN B 93 3.79 9.96 -6.14
CA GLN B 93 3.01 9.69 -7.34
C GLN B 93 3.04 10.96 -8.18
N GLN B 94 3.25 10.82 -9.48
CA GLN B 94 3.17 11.99 -10.36
C GLN B 94 1.93 11.94 -11.23
N SER B 95 1.33 13.10 -11.49
CA SER B 95 0.23 13.18 -12.42
C SER B 95 0.50 14.21 -13.53
N ASN B 96 1.76 14.50 -13.78
CA ASN B 96 2.08 15.43 -14.85
C ASN B 96 1.85 14.82 -16.23
N GLU B 97 2.06 13.51 -16.32
CA GLU B 97 2.07 12.83 -17.59
C GLU B 97 1.48 11.42 -17.43
N ASP B 98 0.80 10.93 -18.47
CA ASP B 98 0.42 9.51 -18.52
C ASP B 98 1.50 8.61 -19.10
N PRO B 99 1.65 7.38 -18.56
CA PRO B 99 0.88 6.77 -17.44
C PRO B 99 1.20 7.37 -16.07
N LEU B 100 0.20 7.44 -15.19
CA LEU B 100 0.44 7.80 -13.79
C LEU B 100 1.42 6.80 -13.23
N THR B 101 2.37 7.27 -12.43
CA THR B 101 3.39 6.39 -11.87
C THR B 101 3.65 6.68 -10.40
N PHE B 102 4.01 5.65 -9.65
CA PHE B 102 4.33 5.76 -8.23
C PHE B 102 5.78 5.38 -8.00
N GLY B 103 6.37 5.92 -6.94
CA GLY B 103 7.64 5.43 -6.41
C GLY B 103 7.45 4.05 -5.80
N ALA B 104 8.55 3.35 -5.53
CA ALA B 104 8.49 1.99 -5.01
C ALA B 104 7.99 1.89 -3.56
N GLY B 105 7.99 3.02 -2.85
CA GLY B 105 7.53 3.06 -1.46
C GLY B 105 8.67 3.14 -0.46
N THR B 106 8.42 3.82 0.64
CA THR B 106 9.33 3.84 1.77
C THR B 106 8.59 3.30 3.00
N LYS B 107 9.12 2.21 3.56
CA LYS B 107 8.57 1.61 4.77
C LYS B 107 9.18 2.22 6.04
N LEU B 108 8.32 2.88 6.84
CA LEU B 108 8.77 3.52 8.04
C LEU B 108 8.53 2.61 9.24
N GLU B 109 9.63 2.25 9.91
CA GLU B 109 9.59 1.44 11.13
C GLU B 109 10.19 2.24 12.28
N LEU B 110 9.97 1.78 13.50
CA LEU B 110 10.51 2.43 14.69
C LEU B 110 11.82 1.81 15.18
N LYS B 111 12.71 2.66 15.66
CA LYS B 111 13.93 2.25 16.36
C LYS B 111 13.61 1.75 17.76
N ARG B 112 14.32 0.71 18.16
CA ARG B 112 14.39 0.29 19.55
C ARG B 112 15.82 -0.20 19.84
N ALA B 113 16.06 -0.65 21.07
CA ALA B 113 17.35 -1.20 21.44
C ALA B 113 17.52 -2.59 20.81
N ASP B 114 18.73 -2.88 20.35
CA ASP B 114 19.08 -4.18 19.78
C ASP B 114 18.72 -5.34 20.69
N ALA B 115 18.22 -6.43 20.09
CA ALA B 115 17.79 -7.61 20.82
C ALA B 115 18.13 -8.88 20.05
N ALA B 116 18.82 -9.82 20.70
CA ALA B 116 19.18 -11.09 20.08
C ALA B 116 17.96 -12.00 19.86
N PRO B 117 17.96 -12.79 18.77
CA PRO B 117 16.84 -13.72 18.57
C PRO B 117 16.79 -14.81 19.63
N THR B 118 15.59 -15.22 20.02
CA THR B 118 15.39 -16.42 20.82
C THR B 118 15.13 -17.53 19.81
N VAL B 119 16.02 -18.51 19.77
CA VAL B 119 16.02 -19.55 18.74
C VAL B 119 15.58 -20.90 19.31
N SER B 120 14.65 -21.55 18.62
CA SER B 120 14.19 -22.90 18.99
C SER B 120 14.11 -23.77 17.76
N ILE B 121 14.47 -25.04 17.92
CA ILE B 121 14.47 -25.97 16.80
C ILE B 121 13.58 -27.19 17.09
N PHE B 122 12.86 -27.69 16.07
CA PHE B 122 11.94 -28.81 16.27
C PHE B 122 12.13 -29.93 15.24
N PRO B 123 12.27 -31.18 15.73
CA PRO B 123 12.29 -32.36 14.84
C PRO B 123 10.94 -32.60 14.16
N PRO B 124 10.91 -33.36 13.06
CA PRO B 124 9.64 -33.77 12.45
C PRO B 124 8.78 -34.56 13.46
N SER B 125 7.47 -34.33 13.43
CA SER B 125 6.56 -35.09 14.27
C SER B 125 6.50 -36.53 13.76
N SER B 126 6.15 -37.46 14.64
CA SER B 126 6.06 -38.87 14.31
C SER B 126 4.89 -39.11 13.35
N GLU B 127 3.85 -38.28 13.47
CA GLU B 127 2.73 -38.26 12.54
C GLU B 127 3.10 -37.81 11.11
N GLN B 128 3.94 -36.79 10.97
CA GLN B 128 4.39 -36.39 9.61
C GLN B 128 5.21 -37.50 8.97
N LEU B 129 6.12 -38.06 9.75
CA LEU B 129 7.00 -39.15 9.31
C LEU B 129 6.19 -40.36 8.87
N THR B 130 5.09 -40.60 9.57
CA THR B 130 4.13 -41.65 9.23
C THR B 130 3.57 -41.55 7.80
N SER B 131 3.30 -40.31 7.34
CA SER B 131 2.89 -40.08 5.94
C SER B 131 4.04 -40.32 4.96
N GLY B 132 5.22 -39.76 5.27
CA GLY B 132 6.40 -39.94 4.43
C GLY B 132 7.19 -38.66 4.17
N GLY B 133 6.82 -37.60 4.87
CA GLY B 133 7.51 -36.31 4.80
C GLY B 133 8.25 -36.05 6.09
N ALA B 134 9.13 -35.04 6.07
CA ALA B 134 9.88 -34.66 7.27
C ALA B 134 10.23 -33.18 7.20
N SER B 135 9.57 -32.37 8.03
CA SER B 135 9.87 -30.93 8.09
C SER B 135 10.58 -30.61 9.38
N VAL B 136 11.67 -29.86 9.28
CA VAL B 136 12.39 -29.38 10.45
C VAL B 136 12.17 -27.87 10.60
N VAL B 137 11.70 -27.46 11.76
CA VAL B 137 11.30 -26.09 12.00
C VAL B 137 12.26 -25.40 12.98
N CYS B 138 12.69 -24.21 12.60
CA CYS B 138 13.41 -23.29 13.46
C CYS B 138 12.64 -21.95 13.64
N PHE B 139 12.47 -21.53 14.88
CA PHE B 139 11.92 -20.19 15.17
C PHE B 139 13.03 -19.24 15.60
N LEU B 140 13.01 -18.03 15.04
CA LEU B 140 13.92 -16.97 15.48
C LEU B 140 13.08 -15.77 15.95
N ASN B 141 12.85 -15.70 17.26
CA ASN B 141 11.82 -14.80 17.81
C ASN B 141 12.33 -13.55 18.53
N ASN B 142 11.58 -12.45 18.39
CA ASN B 142 11.78 -11.21 19.16
C ASN B 142 13.17 -10.59 18.99
N PHE B 143 13.54 -10.25 17.77
CA PHE B 143 14.87 -9.70 17.52
C PHE B 143 14.85 -8.31 16.89
N TYR B 144 15.88 -7.53 17.16
CA TYR B 144 16.07 -6.23 16.57
C TYR B 144 17.57 -5.95 16.42
N PRO B 145 18.00 -5.46 15.25
CA PRO B 145 17.17 -5.08 14.10
C PRO B 145 16.76 -6.20 13.13
N LYS B 146 16.14 -5.77 12.03
CA LYS B 146 15.49 -6.61 11.02
C LYS B 146 16.43 -7.61 10.37
N ASP B 147 17.66 -7.20 10.08
CA ASP B 147 18.60 -7.99 9.27
C ASP B 147 19.11 -9.21 10.05
N ILE B 148 18.81 -10.38 9.50
CA ILE B 148 19.21 -11.66 10.09
C ILE B 148 19.56 -12.68 9.01
N ASN B 149 20.45 -13.60 9.34
CA ASN B 149 20.88 -14.68 8.44
C ASN B 149 20.63 -16.02 9.12
N VAL B 150 19.93 -16.92 8.43
CA VAL B 150 19.65 -18.25 8.95
C VAL B 150 20.37 -19.29 8.09
N LYS B 151 21.07 -20.19 8.75
CA LYS B 151 21.81 -21.26 8.08
C LYS B 151 21.44 -22.61 8.68
N TRP B 152 21.13 -23.56 7.79
CA TRP B 152 20.89 -24.96 8.18
C TRP B 152 22.12 -25.81 7.94
N LYS B 153 22.41 -26.71 8.88
CA LYS B 153 23.49 -27.69 8.72
C LYS B 153 22.95 -29.07 9.05
N ILE B 154 23.33 -30.04 8.22
CA ILE B 154 22.94 -31.42 8.39
C ILE B 154 24.24 -32.17 8.41
N ASP B 155 24.49 -32.89 9.50
CA ASP B 155 25.79 -33.56 9.75
C ASP B 155 27.02 -32.68 9.47
N GLY B 156 26.95 -31.42 9.89
CA GLY B 156 28.07 -30.49 9.77
C GLY B 156 28.19 -29.80 8.42
N SER B 157 27.21 -30.03 7.57
CA SER B 157 27.23 -29.60 6.18
C SER B 157 26.09 -28.61 5.89
N GLU B 158 26.47 -27.44 5.39
CA GLU B 158 25.50 -26.41 5.03
C GLU B 158 24.44 -26.96 4.06
N ARG B 159 23.17 -26.73 4.36
CA ARG B 159 22.12 -27.05 3.41
C ARG B 159 21.30 -25.83 3.03
N GLN B 160 21.16 -25.64 1.73
CA GLN B 160 20.48 -24.48 1.15
C GLN B 160 19.13 -24.83 0.54
N ASN B 161 19.04 -25.96 -0.14
CA ASN B 161 17.81 -26.33 -0.81
C ASN B 161 16.75 -26.96 0.10
N GLY B 162 15.49 -26.65 -0.17
CA GLY B 162 14.37 -27.15 0.65
C GLY B 162 14.04 -26.27 1.85
N VAL B 163 14.61 -25.07 1.88
CA VAL B 163 14.46 -24.15 2.99
C VAL B 163 13.47 -23.05 2.64
N LEU B 164 12.49 -22.81 3.53
CA LEU B 164 11.52 -21.72 3.33
C LEU B 164 11.44 -20.88 4.57
N ASN B 165 11.56 -19.57 4.37
CA ASN B 165 11.57 -18.62 5.46
C ASN B 165 10.34 -17.73 5.45
N SER B 166 9.86 -17.40 6.63
CA SER B 166 8.74 -16.50 6.76
C SER B 166 9.05 -15.48 7.83
N TRP B 167 8.89 -14.20 7.47
CA TRP B 167 9.31 -13.08 8.29
C TRP B 167 8.06 -12.30 8.72
N THR B 168 8.04 -11.82 9.96
CA THR B 168 6.97 -10.92 10.41
C THR B 168 7.34 -9.48 10.13
N ASP B 169 6.34 -8.60 10.10
CA ASP B 169 6.56 -7.17 10.18
C ASP B 169 6.86 -6.81 11.63
N GLN B 170 7.20 -5.55 11.87
CA GLN B 170 7.53 -5.08 13.21
C GLN B 170 6.31 -5.26 14.11
N ASP B 171 6.53 -5.88 15.27
CA ASP B 171 5.50 -5.97 16.30
C ASP B 171 5.21 -4.57 16.89
N SER B 172 3.95 -4.18 16.93
CA SER B 172 3.58 -2.80 17.33
C SER B 172 3.80 -2.54 18.82
N LYS B 173 3.76 -3.61 19.60
CA LYS B 173 3.92 -3.53 21.05
C LYS B 173 5.39 -3.45 21.50
N ASP B 174 6.26 -4.27 20.94
CA ASP B 174 7.67 -4.27 21.38
C ASP B 174 8.73 -3.85 20.34
N SER B 175 8.29 -3.53 19.12
CA SER B 175 9.17 -3.11 18.02
C SER B 175 10.24 -4.16 17.56
N THR B 176 10.00 -5.43 17.85
CA THR B 176 10.90 -6.50 17.44
C THR B 176 10.35 -7.19 16.18
N TYR B 177 11.22 -7.96 15.54
CA TYR B 177 10.84 -8.84 14.43
C TYR B 177 10.90 -10.33 14.84
N SER B 178 10.27 -11.17 14.03
CA SER B 178 10.35 -12.62 14.22
C SER B 178 10.43 -13.30 12.85
N MET B 179 10.90 -14.54 12.85
CA MET B 179 11.11 -15.26 11.61
C MET B 179 11.01 -16.76 11.86
N SER B 180 10.36 -17.47 10.92
CA SER B 180 10.46 -18.93 10.90
C SER B 180 11.29 -19.42 9.71
N SER B 181 11.90 -20.58 9.88
CA SER B 181 12.64 -21.24 8.83
C SER B 181 12.31 -22.73 8.86
N THR B 182 11.85 -23.25 7.73
CA THR B 182 11.45 -24.64 7.63
C THR B 182 12.24 -25.33 6.54
N LEU B 183 12.84 -26.45 6.92
CA LEU B 183 13.56 -27.31 6.00
C LEU B 183 12.76 -28.59 5.75
N THR B 184 12.33 -28.78 4.52
CA THR B 184 11.58 -29.98 4.17
C THR B 184 12.43 -30.97 3.41
N LEU B 185 12.43 -32.20 3.90
CA LEU B 185 13.16 -33.32 3.30
C LEU B 185 12.20 -34.49 3.18
N THR B 186 12.60 -35.52 2.46
CA THR B 186 11.87 -36.78 2.51
C THR B 186 12.19 -37.52 3.83
N LYS B 187 11.30 -38.42 4.23
CA LYS B 187 11.54 -39.32 5.35
C LYS B 187 12.85 -40.13 5.18
N ASP B 188 13.12 -40.59 3.95
CA ASP B 188 14.30 -41.39 3.66
C ASP B 188 15.59 -40.61 3.93
N GLU B 189 15.62 -39.39 3.41
CA GLU B 189 16.75 -38.47 3.63
C GLU B 189 16.93 -38.15 5.12
N TYR B 190 15.84 -37.79 5.79
CA TYR B 190 15.87 -37.43 7.22
C TYR B 190 16.46 -38.55 8.08
N GLU B 191 16.02 -39.77 7.83
CA GLU B 191 16.54 -40.98 8.47
C GLU B 191 18.01 -41.32 8.15
N ARG B 192 18.58 -40.67 7.14
CA ARG B 192 19.95 -40.93 6.70
C ARG B 192 20.97 -40.13 7.54
N HIS B 193 20.49 -39.14 8.29
CA HIS B 193 21.35 -38.23 9.03
C HIS B 193 21.04 -38.18 10.51
N ASN B 194 22.02 -37.76 11.30
CA ASN B 194 21.88 -37.76 12.74
C ASN B 194 21.69 -36.34 13.29
N SER B 195 22.65 -35.45 13.02
CA SER B 195 22.67 -34.13 13.62
C SER B 195 22.02 -33.05 12.72
N TYR B 196 21.16 -32.23 13.33
CA TYR B 196 20.42 -31.14 12.66
C TYR B 196 20.62 -29.83 13.42
N THR B 197 20.89 -28.76 12.67
CA THR B 197 21.33 -27.49 13.26
C THR B 197 20.71 -26.30 12.53
N CYS B 198 20.13 -25.39 13.30
CA CYS B 198 19.69 -24.09 12.84
C CYS B 198 20.65 -23.06 13.43
N GLU B 199 21.09 -22.12 12.61
CA GLU B 199 22.11 -21.16 13.06
C GLU B 199 21.73 -19.73 12.65
N ALA B 200 21.73 -18.82 13.63
CA ALA B 200 21.34 -17.42 13.40
C ALA B 200 22.53 -16.47 13.52
N THR B 201 22.70 -15.63 12.51
CA THR B 201 23.72 -14.59 12.53
C THR B 201 23.03 -13.23 12.59
N HIS B 202 23.37 -12.46 13.63
CA HIS B 202 22.70 -11.20 13.96
C HIS B 202 23.71 -10.19 14.49
N LYS B 203 23.34 -8.91 14.44
CA LYS B 203 24.19 -7.79 14.89
C LYS B 203 24.65 -7.92 16.35
N THR B 204 23.76 -8.48 17.18
CA THR B 204 23.92 -8.50 18.64
C THR B 204 25.13 -9.31 19.14
N SER B 205 25.40 -10.46 18.50
CA SER B 205 26.56 -11.26 18.88
C SER B 205 27.54 -11.53 17.73
N THR B 206 28.82 -11.61 18.11
CA THR B 206 29.90 -11.99 17.20
C THR B 206 29.82 -13.47 16.81
N SER B 207 29.29 -14.30 17.72
CA SER B 207 29.13 -15.72 17.48
C SER B 207 27.68 -15.99 17.09
N PRO B 208 27.46 -16.95 16.17
CA PRO B 208 26.09 -17.31 15.84
C PRO B 208 25.38 -18.00 17.00
N ILE B 209 24.09 -17.77 17.12
CA ILE B 209 23.22 -18.53 18.01
C ILE B 209 22.84 -19.83 17.32
N VAL B 210 23.28 -20.94 17.90
CA VAL B 210 23.14 -22.26 17.32
C VAL B 210 22.15 -23.09 18.15
N LYS B 211 21.10 -23.58 17.51
CA LYS B 211 20.22 -24.58 18.11
C LYS B 211 20.24 -25.88 17.30
N SER B 212 20.26 -27.00 18.01
CA SER B 212 20.57 -28.29 17.42
C SER B 212 19.82 -29.47 18.07
N PHE B 213 19.65 -30.56 17.31
CA PHE B 213 19.22 -31.86 17.85
C PHE B 213 19.83 -33.05 17.11
N ASN B 214 19.92 -34.18 17.82
CA ASN B 214 20.24 -35.48 17.22
C ASN B 214 18.96 -36.30 17.04
N ARG B 215 18.76 -36.78 15.81
CA ARG B 215 17.63 -37.66 15.46
C ARG B 215 17.45 -38.88 16.38
N ASN B 216 18.56 -39.43 16.89
CA ASN B 216 18.52 -40.58 17.82
C ASN B 216 18.26 -40.16 19.28
N GLU B 217 18.11 -38.85 19.49
CA GLU B 217 17.97 -38.18 20.80
C GLU B 217 19.29 -37.95 21.52
N PRO C 3 -3.76 58.64 -2.64
CA PRO C 3 -4.68 57.79 -1.86
C PRO C 3 -4.46 56.27 -2.11
N GLY C 4 -4.40 55.87 -3.37
CA GLY C 4 -3.93 54.52 -3.73
C GLY C 4 -4.82 53.32 -3.49
N TYR C 5 -6.13 53.51 -3.67
CA TYR C 5 -7.08 52.42 -3.38
C TYR C 5 -7.79 51.80 -4.60
N ARG C 6 -7.43 52.21 -5.81
CA ARG C 6 -8.04 51.70 -7.04
C ARG C 6 -7.58 50.33 -7.56
N ILE C 7 -8.54 49.51 -7.97
CA ILE C 7 -8.27 48.35 -8.81
C ILE C 7 -8.32 48.81 -10.28
N TYR C 8 -7.19 48.70 -10.98
CA TYR C 8 -7.10 49.12 -12.39
C TYR C 8 -7.88 48.13 -13.28
N ASP C 9 -7.57 46.84 -13.16
CA ASP C 9 -8.23 45.80 -13.93
C ASP C 9 -8.04 44.42 -13.32
N VAL C 10 -8.81 43.46 -13.83
CA VAL C 10 -8.73 42.06 -13.47
C VAL C 10 -8.69 41.30 -14.77
N VAL C 11 -7.65 40.47 -14.94
CA VAL C 11 -7.37 39.87 -16.25
C VAL C 11 -7.07 38.38 -16.12
N LEU C 12 -7.74 37.59 -16.97
CA LEU C 12 -7.56 36.14 -17.03
C LEU C 12 -6.58 35.75 -18.11
N SER C 13 -5.81 34.70 -17.87
CA SER C 13 -4.85 34.15 -18.82
C SER C 13 -4.82 32.62 -18.73
N PRO C 14 -5.18 31.91 -19.83
CA PRO C 14 -5.63 32.45 -21.13
C PRO C 14 -6.95 33.20 -21.00
N SER C 15 -7.22 34.14 -21.90
CA SER C 15 -8.41 34.98 -21.80
C SER C 15 -9.59 34.50 -22.63
N HIS C 16 -9.34 33.61 -23.59
CA HIS C 16 -10.37 33.13 -24.50
C HIS C 16 -9.87 31.87 -25.20
N GLY C 17 -10.79 31.17 -25.86
CA GLY C 17 -10.45 30.06 -26.75
C GLY C 17 -9.82 28.84 -26.09
N ILE C 18 -10.17 28.58 -24.83
CA ILE C 18 -9.63 27.40 -24.14
C ILE C 18 -10.43 26.18 -24.50
N GLU C 19 -9.72 25.18 -25.01
CA GLU C 19 -10.35 23.99 -25.55
C GLU C 19 -9.58 22.76 -25.08
N LEU C 20 -10.29 21.91 -24.33
CA LEU C 20 -9.67 20.78 -23.63
C LEU C 20 -10.35 19.46 -24.01
N SER C 21 -9.69 18.35 -23.69
CA SER C 21 -10.26 17.01 -23.80
C SER C 21 -10.37 16.41 -22.40
N VAL C 22 -11.18 15.35 -22.28
CA VAL C 22 -11.39 14.65 -21.00
C VAL C 22 -10.06 14.10 -20.45
N GLY C 23 -9.71 14.52 -19.23
CA GLY C 23 -8.48 14.07 -18.56
C GLY C 23 -7.33 15.07 -18.60
N GLU C 24 -7.50 16.13 -19.39
CA GLU C 24 -6.50 17.19 -19.54
C GLU C 24 -6.57 18.13 -18.33
N LYS C 25 -5.45 18.83 -18.07
CA LYS C 25 -5.37 19.88 -17.05
C LYS C 25 -5.94 21.23 -17.53
N LEU C 26 -6.68 21.88 -16.64
CA LEU C 26 -7.05 23.30 -16.80
C LEU C 26 -6.29 24.08 -15.73
N VAL C 27 -5.52 25.08 -16.17
CA VAL C 27 -4.88 26.03 -15.24
C VAL C 27 -5.15 27.45 -15.72
N LEU C 28 -5.91 28.20 -14.93
CA LEU C 28 -6.29 29.57 -15.26
C LEU C 28 -5.61 30.55 -14.33
N ASN C 29 -4.89 31.53 -14.89
CA ASN C 29 -4.34 32.64 -14.09
C ASN C 29 -5.30 33.84 -14.04
N CYS C 30 -5.41 34.43 -12.86
CA CYS C 30 -6.18 35.67 -12.70
C CYS C 30 -5.29 36.71 -12.06
N THR C 31 -5.08 37.81 -12.77
CA THR C 31 -4.29 38.90 -12.21
C THR C 31 -5.10 40.17 -11.92
N ALA C 32 -5.02 40.63 -10.68
CA ALA C 32 -5.56 41.94 -10.32
C ALA C 32 -4.43 42.96 -10.19
N ARG C 33 -4.42 43.96 -11.09
CA ARG C 33 -3.47 45.07 -11.03
C ARG C 33 -4.09 46.23 -10.25
N THR C 34 -3.34 46.77 -9.28
CA THR C 34 -3.92 47.74 -8.38
C THR C 34 -2.95 48.84 -8.04
N GLU C 35 -3.47 49.84 -7.34
CA GLU C 35 -2.65 50.84 -6.69
C GLU C 35 -2.05 50.29 -5.39
N LEU C 36 -1.08 51.02 -4.86
CA LEU C 36 -0.21 50.59 -3.75
C LEU C 36 -0.87 50.14 -2.43
N ASN C 37 -1.93 50.83 -2.00
CA ASN C 37 -2.50 50.57 -0.68
C ASN C 37 -3.57 49.45 -0.59
N VAL C 38 -4.02 48.95 -1.73
CA VAL C 38 -5.10 47.94 -1.85
C VAL C 38 -4.78 46.53 -1.30
N GLY C 39 -5.73 45.93 -0.58
CA GLY C 39 -5.70 44.51 -0.26
C GLY C 39 -6.71 43.85 -1.17
N ILE C 40 -6.46 42.61 -1.59
CA ILE C 40 -7.38 41.88 -2.47
C ILE C 40 -7.81 40.52 -1.89
N ASP C 41 -9.10 40.23 -1.92
CA ASP C 41 -9.60 38.86 -1.74
C ASP C 41 -10.15 38.35 -3.07
N PHE C 42 -9.75 37.16 -3.49
CA PHE C 42 -10.28 36.56 -4.73
C PHE C 42 -11.45 35.60 -4.47
N ASN C 43 -12.44 35.62 -5.36
CA ASN C 43 -13.52 34.62 -5.32
C ASN C 43 -13.82 34.10 -6.72
N TRP C 44 -13.71 32.79 -6.91
CA TRP C 44 -13.96 32.14 -8.20
C TRP C 44 -15.35 31.52 -8.28
N GLU C 45 -15.96 31.63 -9.47
CA GLU C 45 -17.10 30.83 -9.85
C GLU C 45 -16.72 29.91 -11.01
N TYR C 46 -17.17 28.66 -10.92
CA TYR C 46 -16.91 27.65 -11.96
C TYR C 46 -18.14 26.76 -12.13
N PRO C 47 -18.26 26.11 -13.31
CA PRO C 47 -19.46 25.32 -13.64
C PRO C 47 -19.67 24.06 -12.80
N SER C 48 -18.59 23.34 -12.50
CA SER C 48 -18.74 22.00 -11.91
C SER C 48 -19.02 22.02 -10.41
N SER C 49 -20.00 21.25 -9.98
CA SER C 49 -20.25 21.09 -8.54
C SER C 49 -19.49 19.89 -7.95
N LYS C 50 -18.49 19.40 -8.68
CA LYS C 50 -17.62 18.32 -8.23
C LYS C 50 -16.57 18.80 -7.21
N HIS C 51 -16.21 20.08 -7.30
CA HIS C 51 -15.03 20.57 -6.60
C HIS C 51 -15.27 21.55 -5.44
N GLN C 52 -14.55 21.35 -4.34
CA GLN C 52 -14.37 22.39 -3.31
C GLN C 52 -13.43 23.49 -3.79
N HIS C 53 -13.80 24.74 -3.54
CA HIS C 53 -12.99 25.91 -3.90
C HIS C 53 -11.55 25.78 -3.38
N LYS C 54 -11.44 25.23 -2.17
CA LYS C 54 -10.17 25.09 -1.45
C LYS C 54 -9.14 24.28 -2.23
N LYS C 55 -9.57 23.23 -2.93
CA LYS C 55 -8.62 22.38 -3.63
C LYS C 55 -8.24 22.91 -5.02
N LEU C 56 -9.12 23.69 -5.62
CA LEU C 56 -8.87 24.23 -6.96
C LEU C 56 -7.99 25.48 -6.94
N VAL C 57 -8.20 26.32 -5.93
CA VAL C 57 -7.57 27.65 -5.88
C VAL C 57 -6.29 27.60 -5.07
N ASN C 58 -5.24 28.24 -5.56
CA ASN C 58 -3.95 28.27 -4.85
C ASN C 58 -4.05 28.74 -3.42
N ARG C 59 -3.25 28.14 -2.57
CA ARG C 59 -3.22 28.46 -1.15
C ARG C 59 -2.05 29.40 -0.77
N ASP C 60 -1.00 29.41 -1.59
CA ASP C 60 0.15 30.33 -1.38
C ASP C 60 -0.17 31.76 -1.78
N LEU C 61 0.56 32.70 -1.18
CA LEU C 61 0.45 34.11 -1.51
C LEU C 61 1.22 34.40 -2.81
N LYS C 62 0.54 34.94 -3.82
CA LYS C 62 1.17 35.31 -5.09
C LYS C 62 0.96 36.81 -5.35
N THR C 63 1.97 37.62 -5.00
CA THR C 63 1.89 39.08 -5.19
C THR C 63 3.14 39.60 -5.86
N GLN C 64 3.03 40.81 -6.41
CA GLN C 64 4.17 41.52 -6.96
C GLN C 64 3.98 43.04 -6.79
N SER C 65 5.06 43.72 -6.38
CA SER C 65 5.10 45.16 -6.25
C SER C 65 6.17 45.76 -7.17
N GLY C 66 5.84 46.88 -7.82
CA GLY C 66 6.76 47.56 -8.75
C GLY C 66 6.19 48.88 -9.21
N SER C 67 7.04 49.90 -9.24
CA SER C 67 6.63 51.31 -9.36
C SER C 67 5.62 51.61 -8.24
N GLU C 68 4.57 52.35 -8.56
CA GLU C 68 3.51 52.59 -7.60
C GLU C 68 2.28 51.74 -7.99
N MET C 69 2.52 50.45 -8.18
CA MET C 69 1.48 49.47 -8.52
C MET C 69 1.75 48.12 -7.86
N LYS C 70 0.69 47.33 -7.67
CA LYS C 70 0.80 45.96 -7.23
C LYS C 70 0.01 45.04 -8.17
N LYS C 71 0.49 43.82 -8.32
CA LYS C 71 -0.28 42.75 -8.96
C LYS C 71 -0.54 41.65 -7.92
N PHE C 72 -1.75 41.06 -7.98
CA PHE C 72 -2.15 39.96 -7.13
C PHE C 72 -2.52 38.83 -8.08
N LEU C 73 -1.90 37.65 -7.94
CA LEU C 73 -2.21 36.50 -8.81
C LEU C 73 -3.01 35.44 -8.07
N SER C 74 -4.07 34.95 -8.70
CA SER C 74 -4.82 33.80 -8.23
C SER C 74 -4.86 32.76 -9.34
N THR C 75 -4.68 31.49 -8.98
CA THR C 75 -4.72 30.42 -9.98
C THR C 75 -5.81 29.42 -9.63
N LEU C 76 -6.55 29.01 -10.65
CA LEU C 76 -7.45 27.88 -10.56
C LEU C 76 -6.89 26.69 -11.39
N THR C 77 -6.75 25.54 -10.74
CA THR C 77 -6.25 24.30 -11.37
C THR C 77 -7.26 23.15 -11.22
N ILE C 78 -7.68 22.59 -12.34
CA ILE C 78 -8.34 21.26 -12.34
C ILE C 78 -7.45 20.23 -13.04
N ASP C 79 -7.04 19.20 -12.30
CA ASP C 79 -6.16 18.16 -12.83
C ASP C 79 -7.15 17.06 -13.29
N GLY C 80 -7.35 16.94 -14.59
CA GLY C 80 -8.30 15.98 -15.13
C GLY C 80 -9.74 16.42 -15.30
N VAL C 81 -9.99 17.24 -16.31
CA VAL C 81 -11.32 17.75 -16.59
C VAL C 81 -12.31 16.69 -17.12
N THR C 82 -13.59 16.88 -16.77
CA THR C 82 -14.70 16.15 -17.41
C THR C 82 -15.69 17.16 -18.00
N ARG C 83 -16.68 16.65 -18.72
CA ARG C 83 -17.72 17.46 -19.39
C ARG C 83 -18.37 18.52 -18.49
N SER C 84 -18.56 18.22 -17.20
CA SER C 84 -19.19 19.18 -16.28
C SER C 84 -18.28 20.38 -15.95
N ASP C 85 -17.04 20.30 -16.40
CA ASP C 85 -16.07 21.41 -16.23
C ASP C 85 -16.14 22.40 -17.41
N GLN C 86 -16.91 22.07 -18.44
CA GLN C 86 -17.19 23.00 -19.52
C GLN C 86 -18.14 24.08 -19.01
N GLY C 87 -17.77 25.31 -19.28
CA GLY C 87 -18.62 26.43 -18.95
C GLY C 87 -17.82 27.68 -18.67
N LEU C 88 -18.49 28.62 -18.03
CA LEU C 88 -17.93 29.92 -17.69
C LEU C 88 -17.20 29.91 -16.35
N TYR C 89 -15.95 30.35 -16.40
CA TYR C 89 -15.11 30.59 -15.24
C TYR C 89 -15.01 32.09 -15.02
N THR C 90 -15.37 32.54 -13.82
CA THR C 90 -15.32 33.96 -13.43
C THR C 90 -14.39 34.10 -12.23
N CYS C 91 -13.48 35.07 -12.33
CA CYS C 91 -12.62 35.46 -11.20
C CYS C 91 -13.03 36.87 -10.76
N ALA C 92 -13.47 37.02 -9.51
CA ALA C 92 -13.74 38.35 -8.94
C ALA C 92 -12.67 38.74 -7.91
N ALA C 93 -12.12 39.94 -8.05
CA ALA C 93 -11.16 40.48 -7.11
C ALA C 93 -11.79 41.58 -6.26
N SER C 94 -11.81 41.40 -4.94
CA SER C 94 -12.40 42.42 -4.07
C SER C 94 -11.40 43.11 -3.17
N SER C 95 -11.50 44.44 -3.09
CA SER C 95 -10.69 45.28 -2.21
C SER C 95 -11.42 45.74 -0.92
N GLY C 96 -12.69 45.36 -0.79
CA GLY C 96 -13.58 45.93 0.24
C GLY C 96 -14.34 47.16 -0.26
N LEU C 97 -13.64 48.03 -0.99
CA LEU C 97 -14.27 49.23 -1.57
C LEU C 97 -15.03 48.93 -2.85
N MET C 98 -14.55 47.90 -3.56
CA MET C 98 -14.97 47.60 -4.94
C MET C 98 -14.61 46.15 -5.28
N THR C 99 -15.36 45.56 -6.21
CA THR C 99 -15.05 44.26 -6.80
C THR C 99 -15.00 44.42 -8.32
N LYS C 100 -13.92 43.93 -8.94
CA LYS C 100 -13.81 43.82 -10.40
C LYS C 100 -13.67 42.36 -10.80
N LYS C 101 -14.28 41.99 -11.92
CA LYS C 101 -14.28 40.59 -12.36
C LYS C 101 -13.93 40.43 -13.83
N ASN C 102 -13.54 39.20 -14.20
CA ASN C 102 -13.42 38.83 -15.59
C ASN C 102 -13.76 37.36 -15.77
N SER C 103 -14.19 37.03 -16.99
CA SER C 103 -14.72 35.73 -17.39
C SER C 103 -14.05 35.15 -18.62
N THR C 104 -14.04 33.82 -18.70
CA THR C 104 -13.74 33.08 -19.94
C THR C 104 -14.53 31.75 -20.05
N PHE C 105 -14.82 31.34 -21.27
CA PHE C 105 -15.54 30.08 -21.50
C PHE C 105 -14.54 28.98 -21.79
N VAL C 106 -14.62 27.91 -21.02
CA VAL C 106 -13.78 26.72 -21.22
C VAL C 106 -14.64 25.61 -21.87
N ARG C 107 -14.16 25.06 -22.98
CA ARG C 107 -14.83 23.94 -23.65
C ARG C 107 -14.11 22.63 -23.37
N VAL C 108 -14.88 21.58 -23.12
CA VAL C 108 -14.32 20.24 -22.90
C VAL C 108 -14.87 19.28 -23.97
N HIS C 109 -14.01 18.85 -24.89
CA HIS C 109 -14.45 17.93 -25.98
C HIS C 109 -14.44 16.50 -25.45
N GLU C 110 -15.34 15.68 -26.01
CA GLU C 110 -15.50 14.31 -25.54
C GLU C 110 -14.61 13.36 -26.34
N LYS C 111 -13.34 13.35 -25.96
CA LYS C 111 -12.31 12.49 -26.54
C LYS C 111 -11.21 12.40 -25.49
N PRO C 112 -10.45 11.29 -25.47
CA PRO C 112 -9.40 11.25 -24.45
C PRO C 112 -8.28 12.22 -24.80
N PHE C 113 -7.66 12.80 -23.78
CA PHE C 113 -6.52 13.68 -23.95
C PHE C 113 -5.28 12.93 -24.46
N VAL C 114 -4.64 13.53 -25.46
CA VAL C 114 -3.41 13.03 -26.10
C VAL C 114 -2.27 12.72 -25.12
C1 NAG D . 0.32 31.46 -14.91
C2 NAG D . 0.86 31.08 -16.29
C3 NAG D . 1.99 30.07 -16.04
C4 NAG D . 3.10 30.66 -15.16
C5 NAG D . 2.59 31.60 -14.04
C6 NAG D . 3.59 32.72 -13.78
C7 NAG D . -0.42 31.30 -18.37
C8 NAG D . -1.03 30.56 -19.52
N2 NAG D . -0.15 30.62 -17.25
O3 NAG D . 2.50 29.56 -17.27
O4 NAG D . 3.72 29.53 -14.58
O5 NAG D . 1.32 32.24 -14.26
O6 NAG D . 3.36 33.34 -12.52
O7 NAG D . -0.21 32.51 -18.51
C1 NAG D . 5.18 29.46 -14.52
C2 NAG D . 5.90 28.94 -15.78
C3 NAG D . 7.33 28.60 -15.34
C4 NAG D . 8.00 29.79 -14.64
C5 NAG D . 7.10 30.38 -13.55
C6 NAG D . 7.62 31.71 -13.03
C7 NAG D . 5.09 27.46 -17.61
C8 NAG D . 6.25 26.87 -18.36
N2 NAG D . 5.25 27.75 -16.31
O3 NAG D . 8.11 28.13 -16.41
O4 NAG D . 9.23 29.37 -14.08
O5 NAG D . 5.81 30.63 -14.08
O6 NAG D . 6.62 32.36 -12.29
O7 NAG D . 4.02 27.63 -18.19
CA CA E . -13.29 15.23 -3.49
CA CA F . 0.35 -7.23 -27.65
CA CA G . 7.82 11.27 -21.16
CA CA H . -4.05 11.78 -17.42
C1 NAG I . -11.20 41.71 -18.79
C2 NAG I . -10.96 43.20 -18.48
C3 NAG I . -10.74 44.07 -19.73
C4 NAG I . -9.78 43.41 -20.74
C5 NAG I . -10.17 41.95 -20.94
C6 NAG I . -9.19 41.21 -21.85
C7 NAG I . -11.88 44.16 -16.40
C8 NAG I . -13.13 44.44 -15.61
N2 NAG I . -12.04 43.77 -17.66
O3 NAG I . -10.20 45.32 -19.34
O4 NAG I . -9.80 44.13 -21.96
O5 NAG I . -10.19 41.30 -19.70
O6 NAG I . -8.05 40.84 -21.10
O7 NAG I . -10.79 44.32 -15.84
CA CA J . -6.66 56.27 -6.57
CA CA K . -13.27 24.89 -31.42
#